data_4YKF
#
_entry.id   4YKF
#
_cell.length_a   107.090
_cell.length_b   59.390
_cell.length_c   121.350
_cell.angle_alpha   90.00
_cell.angle_beta   111.34
_cell.angle_gamma   90.00
#
_symmetry.space_group_name_H-M   'C 1 2 1'
#
loop_
_entity.id
_entity.type
_entity.pdbx_description
1 polymer 'Alkyl hydroperoxide reductase subunit F'
2 non-polymer 'FLAVIN-ADENINE DINUCLEOTIDE'
3 non-polymer '1,4-DIHYDRONICOTINAMIDE ADENINE DINUCLEOTIDE'
4 non-polymer 'CADMIUM ION'
5 non-polymer 'SULFATE ION'
6 non-polymer GLYCEROL
7 non-polymer DI(HYDROXYETHYL)ETHER
8 water water
#
_entity_poly.entity_id   1
_entity_poly.type   'polypeptide(L)'
_entity_poly.pdbx_seq_one_letter_code
;MLDTNMKTQLKAYLEKLTKPVELIATLDDSAKSAEIKELLAEIAELSDKVTFKEDNSLPVRKPSFLITNPGSNQGPRFAG
SPLGHEFTSLVLALLWTGGHPSKEAQSLLEQIRHIDGDFEFETYYSLSCHNCPDVVQALNLMSVLNPRIKHTAIDGGTFQ
NEITDRNVMGVPAVFVNGKEFGQGRMTLTEIVAKIDTGAEKRAAEELNKRDAYDVLIVGSGPAGAAAAIYSARKGIRTGL
MGERFGGQILDTVDIENYISVPKTEGQKLAGALKVHVDEYDVDVIDSQSASKLIPAAVEGGLHQIETASGAVLKARSIIV
ATGAKWRNMNVPGEDQYRTKGVTYCPHCDGPLFKGKRVAVIGGGNSGVEAAIDLAGIVEHVTLLEFAPEMKADQVLQDKL
RSLKNVDIILNAQTTEVKGDGSKVVGLEYRDRVSGDIHNIELAGIFVQIGLLPNTNWLEGAVERNRMGEIIIDAKCETNV
KGVFAAGDCTTVPYKQIIIATGEGAKASLSAFDYLIRTKTA
;
_entity_poly.pdbx_strand_id   A
#
loop_
_chem_comp.id
_chem_comp.type
_chem_comp.name
_chem_comp.formula
CD non-polymer 'CADMIUM ION' 'Cd 2'
FAD non-polymer 'FLAVIN-ADENINE DINUCLEOTIDE' 'C27 H33 N9 O15 P2'
GOL non-polymer GLYCEROL 'C3 H8 O3'
NAI non-polymer '1,4-DIHYDRONICOTINAMIDE ADENINE DINUCLEOTIDE' 'C21 H29 N7 O14 P2'
PEG non-polymer DI(HYDROXYETHYL)ETHER 'C4 H10 O3'
SO4 non-polymer 'SULFATE ION' 'O4 S -2'
#
# COMPACT_ATOMS: atom_id res chain seq x y z
N MET A 1 44.90 -25.40 -17.26
CA MET A 1 45.03 -26.41 -16.16
C MET A 1 43.81 -27.31 -16.03
N LEU A 2 42.97 -27.27 -17.06
CA LEU A 2 41.87 -28.19 -17.22
C LEU A 2 42.36 -29.62 -17.32
N ASP A 3 41.69 -30.52 -16.64
CA ASP A 3 41.97 -31.94 -16.77
C ASP A 3 41.05 -32.55 -17.81
N THR A 4 41.21 -33.85 -18.08
CA THR A 4 40.48 -34.53 -19.14
C THR A 4 38.98 -34.41 -18.96
N ASN A 5 38.49 -34.67 -17.75
CA ASN A 5 37.05 -34.61 -17.48
C ASN A 5 36.45 -33.20 -17.49
N MET A 6 37.18 -32.19 -17.02
CA MET A 6 36.67 -30.81 -17.09
C MET A 6 36.54 -30.36 -18.54
N LYS A 7 37.50 -30.77 -19.35
CA LYS A 7 37.55 -30.40 -20.76
C LYS A 7 36.40 -31.02 -21.54
N THR A 8 36.13 -32.30 -21.28
CA THR A 8 35.11 -33.03 -22.02
C THR A 8 33.73 -32.59 -21.56
N GLN A 9 33.60 -32.40 -20.26
CA GLN A 9 32.37 -31.94 -19.62
C GLN A 9 32.00 -30.49 -20.01
N LEU A 10 33.02 -29.66 -20.16
CA LEU A 10 32.86 -28.29 -20.59
C LEU A 10 32.51 -28.23 -22.06
N LYS A 11 32.94 -29.22 -22.83
CA LYS A 11 32.59 -29.24 -24.23
C LYS A 11 31.10 -29.43 -24.32
N ALA A 12 30.57 -30.34 -23.50
CA ALA A 12 29.12 -30.58 -23.40
C ALA A 12 28.35 -29.32 -23.07
N TYR A 13 28.71 -28.66 -21.99
CA TYR A 13 28.01 -27.43 -21.62
C TYR A 13 28.11 -26.33 -22.68
N LEU A 14 29.27 -26.18 -23.32
CA LEU A 14 29.45 -25.09 -24.28
C LEU A 14 28.61 -25.16 -25.52
N GLU A 15 28.07 -26.32 -25.86
CA GLU A 15 27.22 -26.38 -27.04
C GLU A 15 25.79 -25.85 -26.72
N LYS A 16 25.53 -25.47 -25.46
CA LYS A 16 24.31 -24.75 -25.08
C LYS A 16 24.33 -23.28 -25.52
N LEU A 17 25.47 -22.80 -26.00
CA LEU A 17 25.66 -21.38 -26.23
C LEU A 17 24.97 -20.95 -27.50
N THR A 18 23.97 -20.11 -27.29
CA THR A 18 23.18 -19.55 -28.37
C THR A 18 23.82 -18.24 -28.83
N LYS A 19 24.63 -17.63 -27.95
CA LYS A 19 25.24 -16.33 -28.24
C LYS A 19 26.76 -16.36 -28.20
N PRO A 20 27.41 -15.38 -28.87
CA PRO A 20 28.86 -15.36 -28.90
C PRO A 20 29.46 -14.79 -27.62
N VAL A 21 30.54 -15.42 -27.16
CA VAL A 21 31.20 -15.08 -25.91
C VAL A 21 32.67 -14.77 -26.18
N GLU A 22 33.16 -13.76 -25.48
CA GLU A 22 34.51 -13.31 -25.60
C GLU A 22 35.05 -13.27 -24.20
N LEU A 23 36.30 -13.68 -24.06
CA LEU A 23 36.96 -13.64 -22.79
C LEU A 23 38.12 -12.70 -22.98
N ILE A 24 38.08 -11.54 -22.34
CA ILE A 24 39.07 -10.51 -22.54
C ILE A 24 40.05 -10.48 -21.40
N ALA A 25 41.33 -10.66 -21.73
CA ALA A 25 42.35 -10.93 -20.74
C ALA A 25 43.26 -9.74 -20.57
N THR A 26 43.76 -9.58 -19.35
CA THR A 26 44.76 -8.56 -19.07
C THR A 26 45.86 -9.16 -18.19
N LEU A 27 47.08 -9.19 -18.74
CA LEU A 27 48.15 -10.08 -18.26
C LEU A 27 49.55 -9.50 -18.26
N ASP A 28 50.34 -9.88 -17.24
CA ASP A 28 51.78 -9.58 -17.17
C ASP A 28 52.61 -10.81 -17.57
N ASP A 29 53.91 -10.77 -17.30
CA ASP A 29 54.78 -11.86 -17.68
C ASP A 29 54.89 -12.93 -16.60
N SER A 30 53.96 -12.95 -15.65
CA SER A 30 53.97 -13.95 -14.59
C SER A 30 53.69 -15.37 -15.10
N ALA A 31 54.21 -16.33 -14.34
CA ALA A 31 53.85 -17.71 -14.53
C ALA A 31 52.34 -17.83 -14.53
N LYS A 32 51.69 -17.21 -13.54
CA LYS A 32 50.24 -17.33 -13.39
C LYS A 32 49.58 -16.76 -14.61
N SER A 33 50.00 -15.57 -15.00
CA SER A 33 49.49 -15.00 -16.26
C SER A 33 49.55 -16.01 -17.42
N ALA A 34 50.70 -16.67 -17.60
CA ALA A 34 50.81 -17.74 -18.60
C ALA A 34 49.81 -18.86 -18.31
N GLU A 35 49.68 -19.23 -17.04
CA GLU A 35 48.66 -20.20 -16.62
C GLU A 35 47.28 -19.81 -17.16
N ILE A 36 47.02 -18.52 -17.16
CA ILE A 36 45.69 -18.05 -17.50
C ILE A 36 45.56 -17.89 -19.00
N LYS A 37 46.60 -17.37 -19.66
CA LYS A 37 46.59 -17.35 -21.11
C LYS A 37 46.24 -18.72 -21.65
N GLU A 38 46.98 -19.72 -21.17
CA GLU A 38 46.81 -21.10 -21.60
C GLU A 38 45.37 -21.51 -21.45
N LEU A 39 44.84 -21.32 -20.25
CA LEU A 39 43.46 -21.74 -19.93
C LEU A 39 42.41 -21.16 -20.89
N LEU A 40 42.53 -19.89 -21.19
CA LEU A 40 41.57 -19.23 -22.08
C LEU A 40 41.65 -19.74 -23.49
N ALA A 41 42.86 -20.02 -23.96
CA ALA A 41 43.05 -20.62 -25.29
C ALA A 41 42.50 -22.03 -25.32
N GLU A 42 42.66 -22.76 -24.22
CA GLU A 42 42.08 -24.09 -24.15
C GLU A 42 40.56 -24.03 -24.29
N ILE A 43 39.91 -22.99 -23.73
CA ILE A 43 38.43 -22.91 -23.79
C ILE A 43 37.97 -22.40 -25.16
N ALA A 44 38.56 -21.33 -25.67
CA ALA A 44 38.27 -20.88 -27.05
C ALA A 44 38.29 -22.02 -28.06
N GLU A 45 39.23 -22.94 -27.84
CA GLU A 45 39.40 -24.19 -28.61
C GLU A 45 38.17 -25.09 -28.63
N LEU A 46 37.38 -25.04 -27.55
CA LEU A 46 36.28 -25.97 -27.38
C LEU A 46 34.97 -25.52 -27.99
N SER A 47 34.91 -24.34 -28.57
CA SER A 47 33.71 -23.89 -29.26
C SER A 47 34.01 -22.69 -30.11
N ASP A 48 33.38 -22.65 -31.28
CA ASP A 48 33.53 -21.48 -32.15
C ASP A 48 32.73 -20.32 -31.59
N LYS A 49 31.86 -20.61 -30.62
CA LYS A 49 31.13 -19.56 -29.96
C LYS A 49 32.02 -18.79 -28.99
N VAL A 50 33.19 -19.32 -28.65
CA VAL A 50 34.07 -18.62 -27.73
C VAL A 50 35.39 -18.22 -28.40
N THR A 51 35.64 -16.91 -28.37
CA THR A 51 36.93 -16.41 -28.80
C THR A 51 37.65 -15.68 -27.64
N PHE A 52 38.96 -15.83 -27.61
CA PHE A 52 39.78 -15.31 -26.53
C PHE A 52 40.61 -14.17 -27.09
N LYS A 53 40.88 -13.16 -26.27
CA LYS A 53 41.50 -11.92 -26.77
C LYS A 53 42.27 -11.24 -25.67
N GLU A 54 43.30 -10.46 -26.02
CA GLU A 54 44.06 -9.73 -25.00
C GLU A 54 43.94 -8.21 -25.12
N ASP A 55 43.97 -7.57 -23.96
CA ASP A 55 44.22 -6.13 -23.87
C ASP A 55 44.98 -5.90 -22.57
N ASN A 56 46.30 -5.89 -22.69
CA ASN A 56 47.16 -5.82 -21.53
C ASN A 56 47.34 -4.41 -20.96
N SER A 57 46.77 -3.40 -21.62
CA SER A 57 46.83 -2.02 -21.13
C SER A 57 45.44 -1.61 -20.66
N LEU A 58 45.05 -2.12 -19.50
CA LEU A 58 43.73 -1.82 -18.94
C LEU A 58 43.88 -1.67 -17.44
N PRO A 59 43.06 -0.77 -16.85
CA PRO A 59 43.24 -0.40 -15.45
C PRO A 59 42.57 -1.42 -14.51
N VAL A 60 43.12 -2.63 -14.46
CA VAL A 60 42.55 -3.76 -13.70
C VAL A 60 43.61 -4.78 -13.32
N ARG A 61 43.24 -5.69 -12.43
CA ARG A 61 44.05 -6.83 -12.03
C ARG A 61 44.87 -7.53 -13.16
N LYS A 62 46.09 -7.94 -12.83
CA LYS A 62 46.92 -8.75 -13.72
C LYS A 62 47.48 -9.92 -12.93
N PRO A 63 47.04 -11.15 -13.22
CA PRO A 63 46.11 -11.51 -14.28
C PRO A 63 44.63 -11.41 -13.89
N SER A 64 43.85 -10.92 -14.83
CA SER A 64 42.43 -11.10 -14.79
C SER A 64 41.92 -11.21 -16.20
N PHE A 65 40.70 -11.69 -16.32
CA PHE A 65 39.98 -11.58 -17.56
C PHE A 65 38.49 -11.29 -17.36
N LEU A 66 37.92 -10.59 -18.33
CA LEU A 66 36.48 -10.38 -18.41
C LEU A 66 35.81 -11.45 -19.25
N ILE A 67 34.63 -11.87 -18.83
CA ILE A 67 33.74 -12.68 -19.67
C ILE A 67 32.57 -11.80 -20.17
N THR A 68 32.50 -11.56 -21.47
CA THR A 68 31.48 -10.65 -22.04
C THR A 68 30.92 -11.15 -23.38
N ASN A 69 30.02 -10.37 -23.96
CA ASN A 69 29.67 -10.54 -25.36
C ASN A 69 30.51 -9.58 -26.19
N PRO A 70 30.60 -9.84 -27.51
CA PRO A 70 31.29 -8.94 -28.44
C PRO A 70 30.78 -7.50 -28.40
N GLY A 71 31.66 -6.55 -28.09
CA GLY A 71 31.29 -5.13 -28.06
C GLY A 71 30.93 -4.58 -26.70
N SER A 72 30.40 -5.41 -25.79
CA SER A 72 30.07 -4.99 -24.42
C SER A 72 31.32 -4.92 -23.57
N ASN A 73 31.22 -4.21 -22.46
CA ASN A 73 32.19 -4.33 -21.36
C ASN A 73 31.45 -4.77 -20.12
N GLN A 74 30.40 -5.56 -20.31
CA GLN A 74 29.54 -6.00 -19.20
C GLN A 74 29.69 -7.49 -18.98
N GLY A 75 30.10 -7.83 -17.76
CA GLY A 75 30.04 -9.21 -17.33
C GLY A 75 31.01 -9.44 -16.20
N PRO A 76 31.03 -10.65 -15.65
CA PRO A 76 31.93 -10.97 -14.55
C PRO A 76 33.44 -11.01 -14.93
N ARG A 77 34.29 -10.51 -14.05
CA ARG A 77 35.74 -10.57 -14.24
C ARG A 77 36.33 -11.48 -13.16
N PHE A 78 37.08 -12.50 -13.56
CA PHE A 78 37.88 -13.25 -12.60
C PHE A 78 39.31 -12.74 -12.57
N ALA A 79 39.90 -12.75 -11.39
CA ALA A 79 41.30 -12.40 -11.22
C ALA A 79 41.95 -13.54 -10.46
N GLY A 80 43.03 -14.08 -11.04
CA GLY A 80 43.63 -15.33 -10.59
C GLY A 80 42.96 -16.54 -11.23
N SER A 81 43.15 -17.71 -10.63
CA SER A 81 42.73 -18.94 -11.28
C SER A 81 41.28 -19.22 -10.98
N PRO A 82 40.49 -19.32 -12.03
CA PRO A 82 39.06 -19.63 -11.91
C PRO A 82 38.72 -21.12 -11.81
N LEU A 83 39.70 -21.91 -11.39
CA LEU A 83 39.48 -23.34 -11.24
C LEU A 83 39.32 -23.64 -9.76
N GLY A 84 39.74 -24.84 -9.36
CA GLY A 84 39.48 -25.35 -8.02
C GLY A 84 38.00 -25.54 -7.88
N HIS A 85 37.48 -25.25 -6.69
CA HIS A 85 36.04 -25.32 -6.41
C HIS A 85 35.24 -24.37 -7.27
N GLU A 86 35.89 -23.41 -7.93
CA GLU A 86 35.21 -22.37 -8.69
C GLU A 86 35.03 -22.68 -10.18
N PHE A 87 35.42 -23.89 -10.60
CA PHE A 87 35.26 -24.30 -11.99
C PHE A 87 33.82 -24.22 -12.45
N THR A 88 32.90 -24.69 -11.61
CA THR A 88 31.48 -24.61 -11.90
C THR A 88 31.03 -23.15 -12.06
N SER A 89 31.60 -22.24 -11.27
CA SER A 89 31.31 -20.83 -11.39
C SER A 89 31.75 -20.29 -12.74
N LEU A 90 32.90 -20.76 -13.21
CA LEU A 90 33.41 -20.30 -14.49
C LEU A 90 32.48 -20.74 -15.60
N VAL A 91 32.12 -22.02 -15.58
CA VAL A 91 31.24 -22.58 -16.58
C VAL A 91 29.97 -21.73 -16.62
N LEU A 92 29.48 -21.45 -15.42
CA LEU A 92 28.18 -20.84 -15.30
C LEU A 92 28.24 -19.42 -15.82
N ALA A 93 29.27 -18.65 -15.48
CA ALA A 93 29.37 -17.30 -16.02
C ALA A 93 29.39 -17.31 -17.56
N LEU A 94 30.04 -18.33 -18.15
CA LEU A 94 30.09 -18.45 -19.62
C LEU A 94 28.72 -18.76 -20.18
N LEU A 95 28.08 -19.76 -19.62
CA LEU A 95 26.75 -20.15 -20.03
C LEU A 95 25.78 -18.95 -20.02
N TRP A 96 25.71 -18.22 -18.90
CA TRP A 96 24.76 -17.10 -18.80
C TRP A 96 25.08 -16.02 -19.82
N THR A 97 26.37 -15.75 -20.01
CA THR A 97 26.78 -14.70 -20.92
C THR A 97 26.43 -15.08 -22.37
N GLY A 98 26.25 -16.38 -22.59
CA GLY A 98 25.89 -16.93 -23.89
C GLY A 98 24.47 -17.43 -23.95
N GLY A 99 23.65 -16.96 -23.00
CA GLY A 99 22.21 -17.09 -23.08
C GLY A 99 21.61 -18.40 -22.60
N HIS A 100 22.31 -19.16 -21.78
CA HIS A 100 21.59 -20.15 -21.00
C HIS A 100 20.97 -19.38 -19.83
N PRO A 101 19.75 -19.76 -19.39
CA PRO A 101 19.02 -19.04 -18.34
C PRO A 101 19.37 -19.44 -16.92
N SER A 102 19.08 -18.53 -15.99
CA SER A 102 19.28 -18.81 -14.57
C SER A 102 18.29 -19.82 -14.03
N LYS A 103 18.74 -20.60 -13.05
CA LYS A 103 17.88 -21.55 -12.35
C LYS A 103 16.96 -20.86 -11.36
N GLU A 104 17.07 -19.54 -11.26
CA GLU A 104 16.53 -18.81 -10.11
C GLU A 104 15.07 -18.31 -10.25
N ALA A 105 14.61 -17.66 -9.18
CA ALA A 105 13.32 -16.98 -9.15
C ALA A 105 13.29 -15.83 -10.14
N GLN A 106 12.59 -16.02 -11.23
CA GLN A 106 12.49 -15.01 -12.29
C GLN A 106 12.20 -13.60 -11.73
N SER A 107 11.28 -13.53 -10.76
CA SER A 107 10.88 -12.23 -10.17
C SER A 107 12.09 -11.53 -9.53
N LEU A 108 12.85 -12.30 -8.78
CA LEU A 108 14.07 -11.81 -8.20
C LEU A 108 14.96 -11.21 -9.29
N LEU A 109 14.97 -11.84 -10.46
CA LEU A 109 15.87 -11.47 -11.54
C LEU A 109 15.52 -10.13 -12.15
N GLU A 110 14.25 -9.94 -12.50
CA GLU A 110 13.77 -8.64 -13.03
C GLU A 110 14.00 -7.56 -11.97
N GLN A 111 13.95 -7.96 -10.70
CA GLN A 111 14.19 -7.03 -9.61
C GLN A 111 15.60 -6.50 -9.76
N ILE A 112 16.54 -7.43 -10.01
CA ILE A 112 17.96 -7.10 -10.19
C ILE A 112 18.23 -6.18 -11.37
N ARG A 113 17.53 -6.41 -12.47
CA ARG A 113 17.74 -5.62 -13.68
C ARG A 113 17.40 -4.15 -13.47
N HIS A 114 16.23 -3.90 -12.90
CA HIS A 114 15.78 -2.56 -12.57
C HIS A 114 16.25 -2.24 -11.15
N ILE A 115 17.46 -1.70 -11.04
CA ILE A 115 18.05 -1.26 -9.77
C ILE A 115 18.95 -0.09 -10.07
N ASP A 116 18.80 0.99 -9.31
CA ASP A 116 19.33 2.29 -9.75
C ASP A 116 20.81 2.54 -9.36
N GLY A 117 21.15 2.37 -8.08
CA GLY A 117 22.48 2.73 -7.57
C GLY A 117 23.63 1.99 -8.22
N ASP A 118 24.80 2.60 -8.27
CA ASP A 118 26.00 1.95 -8.80
C ASP A 118 26.65 1.11 -7.72
N PHE A 119 27.40 0.08 -8.13
CA PHE A 119 27.93 -0.92 -7.19
C PHE A 119 29.11 -1.69 -7.79
N GLU A 120 30.19 -1.82 -7.03
CA GLU A 120 31.37 -2.56 -7.50
C GLU A 120 31.76 -3.59 -6.50
N PHE A 121 31.17 -4.76 -6.64
CA PHE A 121 31.52 -5.90 -5.79
C PHE A 121 32.91 -6.46 -6.10
N GLU A 122 33.48 -7.14 -5.12
CA GLU A 122 34.71 -7.90 -5.27
C GLU A 122 34.69 -8.97 -4.21
N THR A 123 34.89 -10.22 -4.62
CA THR A 123 34.84 -11.33 -3.70
C THR A 123 36.22 -11.97 -3.61
N TYR A 124 36.65 -12.28 -2.40
CA TYR A 124 37.87 -13.05 -2.22
C TYR A 124 37.58 -14.54 -1.96
N TYR A 125 38.28 -15.39 -2.72
CA TYR A 125 38.19 -16.85 -2.58
C TYR A 125 39.58 -17.50 -2.68
N SER A 126 39.68 -18.78 -2.32
CA SER A 126 40.86 -19.58 -2.58
C SER A 126 40.35 -20.85 -3.23
N LEU A 127 41.22 -21.54 -3.93
CA LEU A 127 40.75 -22.62 -4.78
C LEU A 127 40.11 -23.74 -3.95
N SER A 128 40.65 -24.01 -2.75
CA SER A 128 40.19 -25.10 -1.87
C SER A 128 38.89 -24.80 -1.11
N CYS A 129 38.43 -23.54 -1.19
CA CYS A 129 37.24 -23.03 -0.46
C CYS A 129 35.93 -23.67 -0.90
N HIS A 130 35.47 -24.66 -0.17
CA HIS A 130 34.29 -25.41 -0.55
C HIS A 130 33.00 -24.61 -0.62
N ASN A 131 32.93 -23.49 0.11
CA ASN A 131 31.69 -22.69 0.20
C ASN A 131 31.60 -21.49 -0.75
N CYS A 132 32.74 -21.01 -1.24
CA CYS A 132 32.80 -19.80 -2.08
C CYS A 132 32.01 -19.82 -3.42
N PRO A 133 31.74 -21.01 -4.01
CA PRO A 133 31.05 -20.97 -5.31
C PRO A 133 29.67 -20.32 -5.29
N ASP A 134 28.83 -20.71 -4.34
CA ASP A 134 27.45 -20.19 -4.30
C ASP A 134 27.45 -18.68 -4.27
N VAL A 135 28.33 -18.12 -3.45
CA VAL A 135 28.47 -16.67 -3.36
C VAL A 135 29.00 -16.03 -4.63
N VAL A 136 29.99 -16.67 -5.24
CA VAL A 136 30.61 -16.18 -6.46
C VAL A 136 29.58 -16.20 -7.61
N GLN A 137 28.94 -17.35 -7.75
CA GLN A 137 27.91 -17.57 -8.74
C GLN A 137 26.76 -16.63 -8.56
N ALA A 138 26.48 -16.28 -7.31
CA ALA A 138 25.42 -15.39 -6.99
C ALA A 138 25.70 -14.03 -7.59
N LEU A 139 26.84 -13.47 -7.20
CA LEU A 139 27.26 -12.14 -7.63
C LEU A 139 27.70 -12.07 -9.08
N ASN A 140 28.06 -13.19 -9.68
CA ASN A 140 28.36 -13.17 -11.11
C ASN A 140 27.07 -12.89 -11.85
N LEU A 141 26.03 -13.61 -11.43
CA LEU A 141 24.73 -13.53 -12.05
C LEU A 141 24.32 -12.06 -12.08
N MET A 142 24.53 -11.34 -10.99
CA MET A 142 24.16 -9.94 -10.96
C MET A 142 24.88 -9.12 -12.03
N SER A 143 26.19 -9.29 -12.20
CA SER A 143 26.93 -8.48 -13.17
C SER A 143 26.41 -8.61 -14.61
N VAL A 144 25.78 -9.75 -14.91
CA VAL A 144 25.21 -10.05 -16.22
C VAL A 144 23.82 -9.41 -16.38
N LEU A 145 23.01 -9.47 -15.32
CA LEU A 145 21.67 -8.92 -15.32
C LEU A 145 21.61 -7.39 -15.30
N ASN A 146 22.65 -6.71 -14.85
CA ASN A 146 22.60 -5.26 -14.76
C ASN A 146 24.01 -4.68 -14.82
N PRO A 147 24.27 -3.80 -15.80
CA PRO A 147 25.61 -3.24 -16.00
C PRO A 147 26.11 -2.32 -14.88
N ARG A 148 25.23 -1.80 -14.04
CA ARG A 148 25.64 -0.98 -12.90
C ARG A 148 26.03 -1.83 -11.69
N ILE A 149 26.05 -3.15 -11.83
CA ILE A 149 26.58 -4.03 -10.79
C ILE A 149 27.84 -4.72 -11.32
N LYS A 150 29.00 -4.23 -10.90
CA LYS A 150 30.28 -4.78 -11.31
C LYS A 150 30.64 -5.87 -10.33
N HIS A 151 31.34 -6.90 -10.82
CA HIS A 151 31.83 -7.95 -9.94
C HIS A 151 33.11 -8.57 -10.44
N THR A 152 34.18 -8.42 -9.64
CA THR A 152 35.46 -9.10 -9.84
C THR A 152 35.57 -10.20 -8.78
N ALA A 153 35.86 -11.43 -9.20
CA ALA A 153 36.18 -12.51 -8.24
C ALA A 153 37.70 -12.64 -8.10
N ILE A 154 38.19 -12.61 -6.86
CA ILE A 154 39.63 -12.59 -6.58
C ILE A 154 40.13 -13.87 -5.91
N ASP A 155 40.91 -14.66 -6.66
CA ASP A 155 41.65 -15.80 -6.10
C ASP A 155 42.82 -15.35 -5.22
N GLY A 156 42.70 -15.64 -3.92
CA GLY A 156 43.69 -15.25 -2.93
C GLY A 156 45.02 -15.97 -3.03
N GLY A 157 45.08 -17.04 -3.82
CA GLY A 157 46.33 -17.72 -4.11
C GLY A 157 47.28 -16.87 -4.94
N THR A 158 46.72 -16.02 -5.81
CA THR A 158 47.52 -15.11 -6.61
C THR A 158 47.92 -13.88 -5.81
N PHE A 159 46.91 -13.18 -5.30
CA PHE A 159 47.15 -11.97 -4.49
C PHE A 159 47.01 -12.34 -3.01
N GLN A 160 47.92 -13.21 -2.54
CA GLN A 160 48.11 -13.42 -1.10
C GLN A 160 48.48 -12.02 -0.56
N ASN A 161 49.18 -11.28 -1.41
CA ASN A 161 49.38 -9.84 -1.32
C ASN A 161 48.18 -9.03 -0.77
N GLU A 162 47.08 -9.03 -1.51
CA GLU A 162 45.88 -8.21 -1.18
C GLU A 162 45.07 -8.72 0.01
N ILE A 163 45.06 -10.02 0.23
CA ILE A 163 44.42 -10.58 1.42
C ILE A 163 44.95 -9.85 2.65
N THR A 164 46.28 -9.71 2.73
CA THR A 164 46.92 -9.01 3.85
C THR A 164 46.43 -7.57 3.95
N ASP A 165 46.53 -6.82 2.84
CA ASP A 165 46.29 -5.36 2.80
C ASP A 165 44.90 -4.94 3.28
N ARG A 166 43.92 -5.81 3.08
CA ARG A 166 42.56 -5.55 3.54
C ARG A 166 42.23 -6.49 4.70
N ASN A 167 43.27 -7.03 5.31
CA ASN A 167 43.14 -7.95 6.46
C ASN A 167 41.97 -8.94 6.40
N VAL A 168 41.69 -9.51 5.24
CA VAL A 168 40.69 -10.57 5.15
C VAL A 168 41.16 -11.76 5.94
N MET A 169 40.42 -12.18 6.96
CA MET A 169 40.88 -13.31 7.75
C MET A 169 40.07 -14.60 7.53
N GLY A 170 39.22 -14.60 6.52
CA GLY A 170 38.36 -15.75 6.25
C GLY A 170 37.56 -15.52 4.99
N VAL A 171 37.44 -16.56 4.16
CA VAL A 171 36.82 -16.48 2.83
C VAL A 171 35.59 -17.40 2.78
N PRO A 172 34.58 -17.06 1.96
CA PRO A 172 34.50 -15.93 1.02
C PRO A 172 34.35 -14.57 1.67
N ALA A 173 34.97 -13.55 1.10
CA ALA A 173 34.89 -12.23 1.69
C ALA A 173 34.47 -11.19 0.67
N VAL A 174 33.25 -10.68 0.81
CA VAL A 174 32.72 -9.73 -0.16
C VAL A 174 32.90 -8.27 0.24
N PHE A 175 33.10 -7.43 -0.77
CA PHE A 175 33.26 -6.00 -0.62
C PHE A 175 32.36 -5.30 -1.62
N VAL A 176 31.74 -4.19 -1.20
CA VAL A 176 31.10 -3.28 -2.13
C VAL A 176 31.89 -2.00 -2.15
N ASN A 177 32.07 -1.43 -3.32
CA ASN A 177 32.64 -0.08 -3.42
C ASN A 177 33.66 0.24 -2.33
N GLY A 178 34.62 -0.65 -2.12
CA GLY A 178 35.64 -0.44 -1.12
C GLY A 178 35.22 -0.86 0.27
N LYS A 179 33.93 -0.72 0.58
CA LYS A 179 33.43 -1.08 1.90
C LYS A 179 33.15 -2.59 2.03
N GLU A 180 33.45 -3.11 3.21
CA GLU A 180 33.31 -4.51 3.53
C GLU A 180 31.85 -4.90 3.63
N PHE A 181 31.42 -5.86 2.83
CA PHE A 181 30.02 -6.15 2.70
C PHE A 181 29.55 -7.24 3.62
N GLY A 182 30.39 -8.25 3.80
CA GLY A 182 29.98 -9.40 4.57
C GLY A 182 30.75 -10.59 4.07
N GLN A 183 30.62 -11.70 4.79
CA GLN A 183 31.42 -12.88 4.54
C GLN A 183 30.72 -14.14 5.05
N GLY A 184 31.08 -15.27 4.45
CA GLY A 184 30.41 -16.52 4.74
C GLY A 184 29.21 -16.69 3.83
N ARG A 185 28.41 -17.68 4.18
CA ARG A 185 27.38 -18.22 3.30
C ARG A 185 26.15 -17.31 3.07
N MET A 186 26.23 -16.46 2.04
CA MET A 186 25.09 -15.59 1.66
C MET A 186 24.44 -16.02 0.34
N THR A 187 23.19 -16.50 0.37
CA THR A 187 22.42 -16.77 -0.88
C THR A 187 22.09 -15.47 -1.62
N LEU A 188 21.80 -15.62 -2.92
CA LEU A 188 21.42 -14.48 -3.75
C LEU A 188 20.32 -13.65 -3.08
N THR A 189 19.30 -14.35 -2.59
CA THR A 189 18.16 -13.72 -1.93
C THR A 189 18.61 -12.73 -0.83
N GLU A 190 19.61 -13.12 -0.02
CA GLU A 190 20.06 -12.29 1.11
C GLU A 190 20.92 -11.09 0.69
N ILE A 191 21.70 -11.27 -0.38
CA ILE A 191 22.55 -10.20 -0.90
C ILE A 191 21.64 -9.10 -1.45
N VAL A 192 20.53 -9.51 -2.07
CA VAL A 192 19.71 -8.55 -2.79
C VAL A 192 18.89 -7.68 -1.83
N ALA A 193 18.53 -8.27 -0.68
CA ALA A 193 17.92 -7.51 0.39
C ALA A 193 18.93 -6.46 0.79
N LYS A 194 20.07 -6.91 1.34
CA LYS A 194 21.09 -5.99 1.82
C LYS A 194 21.34 -4.82 0.87
N ILE A 195 21.43 -5.11 -0.43
CA ILE A 195 21.88 -4.10 -1.39
C ILE A 195 20.87 -2.96 -1.65
N ASP A 196 19.63 -3.31 -2.00
CA ASP A 196 18.66 -2.29 -2.43
C ASP A 196 17.71 -1.86 -1.30
N THR A 197 17.95 -0.65 -0.76
CA THR A 197 16.94 0.10 -0.03
C THR A 197 15.66 -0.03 -0.86
N GLY A 198 15.80 0.26 -2.14
CA GLY A 198 14.81 -0.10 -3.14
C GLY A 198 13.60 0.79 -3.15
N ALA A 199 12.57 0.28 -3.82
CA ALA A 199 11.24 0.86 -3.72
C ALA A 199 10.66 0.41 -2.38
N GLU A 200 10.37 1.38 -1.54
CA GLU A 200 9.54 1.16 -0.36
C GLU A 200 8.15 0.73 -0.85
N LYS A 201 7.74 1.37 -1.96
CA LYS A 201 6.37 1.36 -2.46
C LYS A 201 5.68 0.03 -2.36
N ARG A 202 6.40 -1.04 -2.68
CA ARG A 202 5.72 -2.29 -2.96
C ARG A 202 5.20 -3.00 -1.72
N ALA A 203 4.40 -2.26 -0.95
CA ALA A 203 3.09 -2.75 -0.59
C ALA A 203 2.46 -2.77 -2.00
N ALA A 204 2.56 -1.63 -2.70
CA ALA A 204 2.09 -1.47 -4.09
C ALA A 204 2.25 -2.68 -5.07
N GLU A 205 3.47 -3.02 -5.50
CA GLU A 205 3.64 -4.20 -6.38
C GLU A 205 3.27 -5.46 -5.59
N GLU A 206 3.33 -5.34 -4.28
CA GLU A 206 2.87 -6.41 -3.42
C GLU A 206 1.33 -6.59 -3.55
N LEU A 207 0.60 -5.48 -3.59
CA LEU A 207 -0.84 -5.52 -3.80
C LEU A 207 -1.18 -6.08 -5.17
N ASN A 208 -0.46 -5.58 -6.20
CA ASN A 208 -0.67 -6.00 -7.58
C ASN A 208 -0.50 -7.46 -7.84
N LYS A 209 0.36 -8.10 -7.05
CA LYS A 209 0.61 -9.51 -7.23
C LYS A 209 -0.33 -10.41 -6.43
N ARG A 210 -1.08 -9.84 -5.46
CA ARG A 210 -2.05 -10.69 -4.74
C ARG A 210 -3.20 -11.14 -5.62
N ASP A 211 -3.74 -12.29 -5.22
CA ASP A 211 -4.71 -13.01 -6.01
C ASP A 211 -6.00 -12.25 -5.95
N ALA A 212 -6.84 -12.50 -6.94
CA ALA A 212 -8.16 -11.94 -6.94
C ALA A 212 -8.94 -12.27 -5.65
N TYR A 213 -9.68 -11.31 -5.14
CA TYR A 213 -10.58 -11.59 -4.02
C TYR A 213 -11.92 -12.11 -4.46
N ASP A 214 -12.49 -12.97 -3.62
CA ASP A 214 -13.91 -13.30 -3.80
C ASP A 214 -14.72 -12.05 -3.50
N VAL A 215 -14.37 -11.34 -2.43
CA VAL A 215 -15.03 -10.06 -2.16
C VAL A 215 -13.99 -9.08 -1.64
N LEU A 216 -14.04 -7.84 -2.10
CA LEU A 216 -13.13 -6.80 -1.60
C LEU A 216 -13.96 -5.68 -1.10
N ILE A 217 -13.76 -5.30 0.14
CA ILE A 217 -14.57 -4.31 0.77
C ILE A 217 -13.73 -3.10 0.89
N VAL A 218 -14.27 -1.98 0.43
CA VAL A 218 -13.56 -0.70 0.43
C VAL A 218 -14.08 0.19 1.52
N GLY A 219 -13.24 0.52 2.51
CA GLY A 219 -13.68 1.33 3.64
C GLY A 219 -13.88 0.38 4.80
N SER A 220 -13.26 0.75 5.90
CA SER A 220 -13.09 -0.10 7.04
C SER A 220 -13.56 0.58 8.27
N GLY A 221 -14.66 1.31 8.17
CA GLY A 221 -15.41 1.70 9.35
C GLY A 221 -16.28 0.54 9.82
N PRO A 222 -17.25 0.84 10.70
CA PRO A 222 -18.26 -0.14 11.11
C PRO A 222 -18.91 -0.96 9.97
N ALA A 223 -19.29 -0.31 8.90
CA ALA A 223 -19.94 -1.04 7.85
C ALA A 223 -19.00 -2.02 7.18
N GLY A 224 -17.84 -1.55 6.73
CA GLY A 224 -16.91 -2.45 6.06
C GLY A 224 -16.50 -3.58 6.99
N ALA A 225 -16.29 -3.28 8.27
CA ALA A 225 -15.87 -4.34 9.19
C ALA A 225 -16.91 -5.45 9.35
N ALA A 226 -18.18 -5.07 9.42
CA ALA A 226 -19.25 -5.99 9.60
C ALA A 226 -19.34 -6.85 8.35
N ALA A 227 -19.21 -6.19 7.22
CA ALA A 227 -19.14 -6.93 5.94
C ALA A 227 -18.07 -7.95 5.94
N ALA A 228 -16.93 -7.63 6.52
CA ALA A 228 -15.79 -8.51 6.45
C ALA A 228 -15.99 -9.71 7.37
N ILE A 229 -16.58 -9.43 8.52
CA ILE A 229 -16.85 -10.48 9.43
C ILE A 229 -17.83 -11.45 8.80
N TYR A 230 -18.88 -10.92 8.18
CA TYR A 230 -19.86 -11.83 7.62
C TYR A 230 -19.27 -12.54 6.46
N SER A 231 -18.43 -11.86 5.70
CA SER A 231 -17.83 -12.58 4.59
C SER A 231 -16.89 -13.75 4.91
N ALA A 232 -15.92 -13.50 5.77
CA ALA A 232 -14.91 -14.49 6.10
C ALA A 232 -15.45 -15.77 6.77
N ARG A 233 -16.59 -15.62 7.43
CA ARG A 233 -17.27 -16.69 8.11
C ARG A 233 -17.89 -17.70 7.16
N LYS A 234 -18.14 -17.23 5.96
CA LYS A 234 -18.45 -18.16 4.87
C LYS A 234 -17.19 -18.73 4.25
N GLY A 235 -16.04 -18.40 4.82
CA GLY A 235 -14.77 -18.93 4.29
C GLY A 235 -14.33 -18.48 2.91
N ILE A 236 -14.91 -17.43 2.35
CA ILE A 236 -14.46 -17.00 1.06
C ILE A 236 -13.29 -16.06 1.25
N ARG A 237 -12.53 -15.85 0.19
CA ARG A 237 -11.34 -15.06 0.28
C ARG A 237 -11.78 -13.58 0.30
N THR A 238 -11.49 -12.92 1.41
CA THR A 238 -11.98 -11.59 1.68
C THR A 238 -10.93 -10.58 2.02
N GLY A 239 -11.09 -9.38 1.48
CA GLY A 239 -10.14 -8.30 1.64
C GLY A 239 -10.86 -7.08 2.13
N LEU A 240 -10.24 -6.39 3.07
CA LEU A 240 -10.89 -5.21 3.61
C LEU A 240 -9.87 -4.15 3.47
N MET A 241 -10.14 -3.17 2.65
CA MET A 241 -9.16 -2.14 2.43
C MET A 241 -9.75 -0.86 2.87
N GLY A 242 -8.97 -0.05 3.55
CA GLY A 242 -9.41 1.29 3.79
C GLY A 242 -8.36 2.24 4.28
N GLU A 243 -8.75 3.49 4.39
CA GLU A 243 -7.83 4.56 4.69
C GLU A 243 -7.42 4.50 6.13
N ARG A 244 -8.36 4.22 7.02
CA ARG A 244 -8.06 4.17 8.43
C ARG A 244 -9.07 3.39 9.25
N PHE A 245 -8.65 2.20 9.68
CA PHE A 245 -9.51 1.27 10.35
C PHE A 245 -10.24 1.90 11.52
N GLY A 246 -11.57 1.78 11.53
CA GLY A 246 -12.43 2.37 12.56
C GLY A 246 -13.36 3.41 12.02
N GLY A 247 -12.97 4.04 10.93
CA GLY A 247 -13.78 5.12 10.35
C GLY A 247 -14.05 6.21 11.36
N GLN A 248 -15.28 6.72 11.35
CA GLN A 248 -15.66 7.89 12.12
C GLN A 248 -15.71 7.64 13.62
N ILE A 249 -15.79 6.39 14.02
CA ILE A 249 -15.89 6.13 15.42
C ILE A 249 -14.58 6.39 16.14
N LEU A 250 -13.44 6.33 15.46
CA LEU A 250 -12.14 6.72 16.05
C LEU A 250 -12.10 8.14 16.59
N ASP A 251 -12.82 9.07 15.97
CA ASP A 251 -12.80 10.47 16.40
C ASP A 251 -13.97 10.89 17.28
N THR A 252 -14.57 9.92 17.95
CA THR A 252 -15.69 10.16 18.89
C THR A 252 -15.32 9.62 20.25
N VAL A 253 -15.93 10.16 21.28
CA VAL A 253 -15.62 9.65 22.59
C VAL A 253 -16.80 8.81 22.95
N ASP A 254 -17.83 9.40 23.57
CA ASP A 254 -18.90 8.64 24.17
C ASP A 254 -19.94 8.19 23.20
N ILE A 255 -20.27 6.92 23.28
CA ILE A 255 -21.28 6.33 22.43
C ILE A 255 -22.29 5.58 23.28
N GLU A 256 -23.53 6.02 23.26
CA GLU A 256 -24.54 5.43 24.12
C GLU A 256 -25.65 4.70 23.36
N ASN A 257 -25.54 4.60 22.03
CA ASN A 257 -26.57 3.94 21.23
C ASN A 257 -26.09 2.76 20.39
N TYR A 258 -24.93 2.20 20.71
CA TYR A 258 -24.56 0.93 20.13
C TYR A 258 -25.30 -0.10 20.97
N ILE A 259 -26.46 -0.50 20.41
CA ILE A 259 -27.47 -1.34 21.11
C ILE A 259 -26.84 -2.55 21.83
N SER A 260 -27.29 -2.78 23.05
CA SER A 260 -26.74 -3.75 24.05
C SER A 260 -25.59 -3.21 24.90
N VAL A 261 -24.92 -2.17 24.47
CA VAL A 261 -23.79 -1.65 25.17
C VAL A 261 -24.13 -0.26 25.68
N PRO A 262 -24.44 -0.12 26.96
CA PRO A 262 -24.91 1.18 27.45
C PRO A 262 -24.01 2.37 27.20
N LYS A 263 -22.70 2.11 27.31
CA LYS A 263 -21.67 3.13 27.20
C LYS A 263 -20.35 2.58 26.74
N THR A 264 -19.89 2.94 25.55
CA THR A 264 -18.49 2.69 25.18
C THR A 264 -17.85 3.93 24.59
N GLU A 265 -16.72 3.75 23.94
CA GLU A 265 -15.88 4.86 23.49
C GLU A 265 -15.44 4.54 22.10
N GLY A 266 -15.27 5.57 21.30
CA GLY A 266 -14.86 5.39 19.95
C GLY A 266 -13.66 4.52 19.77
N GLN A 267 -12.65 4.76 20.58
CA GLN A 267 -11.40 4.07 20.43
C GLN A 267 -11.55 2.65 20.82
N LYS A 268 -12.28 2.41 21.88
CA LYS A 268 -12.52 1.08 22.40
C LYS A 268 -13.30 0.28 21.37
N LEU A 269 -14.28 0.93 20.74
CA LEU A 269 -15.15 0.24 19.82
C LEU A 269 -14.38 -0.12 18.53
N ALA A 270 -13.57 0.82 18.07
CA ALA A 270 -12.77 0.55 16.87
C ALA A 270 -11.87 -0.59 17.13
N GLY A 271 -11.30 -0.66 18.32
CA GLY A 271 -10.40 -1.74 18.69
C GLY A 271 -11.12 -3.06 18.85
N ALA A 272 -12.32 -2.99 19.37
CA ALA A 272 -13.16 -4.17 19.50
C ALA A 272 -13.62 -4.68 18.11
N LEU A 273 -13.84 -3.78 17.16
CA LEU A 273 -14.05 -4.19 15.79
C LEU A 273 -12.84 -4.82 15.17
N LYS A 274 -11.68 -4.35 15.51
CA LYS A 274 -10.48 -4.93 14.91
C LYS A 274 -10.29 -6.36 15.40
N VAL A 275 -10.56 -6.54 16.69
CA VAL A 275 -10.40 -7.81 17.28
C VAL A 275 -11.42 -8.77 16.67
N HIS A 276 -12.63 -8.28 16.41
CA HIS A 276 -13.66 -9.19 15.92
C HIS A 276 -13.28 -9.55 14.53
N VAL A 277 -12.78 -8.57 13.80
CA VAL A 277 -12.26 -8.83 12.45
C VAL A 277 -11.13 -9.84 12.41
N ASP A 278 -10.21 -9.79 13.37
CA ASP A 278 -9.00 -10.60 13.28
C ASP A 278 -9.20 -12.02 13.72
N GLU A 279 -10.36 -12.30 14.28
CA GLU A 279 -10.75 -13.67 14.52
C GLU A 279 -10.95 -14.48 13.23
N TYR A 280 -11.06 -13.83 12.08
CA TYR A 280 -11.30 -14.51 10.83
C TYR A 280 -10.20 -14.23 9.80
N ASP A 281 -10.21 -15.06 8.78
CA ASP A 281 -9.24 -14.93 7.74
C ASP A 281 -9.57 -13.73 6.86
N VAL A 282 -9.13 -12.54 7.27
CA VAL A 282 -9.39 -11.34 6.46
C VAL A 282 -8.06 -10.67 6.18
N ASP A 283 -7.73 -10.54 4.90
CA ASP A 283 -6.67 -9.62 4.48
C ASP A 283 -7.07 -8.18 4.77
N VAL A 284 -6.60 -7.66 5.90
CA VAL A 284 -6.78 -6.27 6.23
C VAL A 284 -5.66 -5.41 5.62
N ILE A 285 -6.04 -4.33 4.95
CA ILE A 285 -5.13 -3.47 4.21
C ILE A 285 -5.42 -2.06 4.69
N ASP A 286 -4.52 -1.47 5.45
CA ASP A 286 -4.77 -0.13 6.03
C ASP A 286 -4.00 0.99 5.23
N SER A 287 -4.40 2.24 5.44
CA SER A 287 -3.82 3.41 4.73
C SER A 287 -3.77 3.30 3.21
N GLN A 288 -4.68 2.54 2.60
CA GLN A 288 -4.80 2.60 1.14
C GLN A 288 -6.13 3.22 0.84
N SER A 289 -6.14 3.92 -0.29
CA SER A 289 -7.24 4.78 -0.62
C SER A 289 -7.71 4.41 -2.00
N ALA A 290 -8.96 4.01 -2.17
CA ALA A 290 -9.41 3.68 -3.52
C ALA A 290 -9.64 4.97 -4.32
N SER A 291 -9.22 4.96 -5.57
CA SER A 291 -9.39 6.13 -6.43
C SER A 291 -10.12 5.78 -7.70
N LYS A 292 -10.42 4.51 -7.95
CA LYS A 292 -11.30 4.17 -9.08
C LYS A 292 -11.82 2.73 -9.09
N LEU A 293 -13.05 2.62 -9.57
CA LEU A 293 -13.64 1.32 -9.77
C LEU A 293 -13.73 1.09 -11.25
N ILE A 294 -13.25 -0.09 -11.68
CA ILE A 294 -13.41 -0.47 -13.06
C ILE A 294 -14.33 -1.65 -13.08
N PRO A 295 -15.56 -1.42 -13.51
CA PRO A 295 -16.54 -2.52 -13.51
C PRO A 295 -16.16 -3.65 -14.48
N ALA A 296 -16.36 -4.91 -14.08
CA ALA A 296 -16.14 -6.04 -15.01
C ALA A 296 -16.83 -5.79 -16.33
N ALA A 297 -16.17 -6.19 -17.41
CA ALA A 297 -16.76 -6.08 -18.75
C ALA A 297 -17.67 -7.29 -19.06
N VAL A 298 -17.55 -8.39 -18.32
CA VAL A 298 -18.46 -9.51 -18.46
C VAL A 298 -18.85 -10.20 -17.16
N GLU A 299 -20.09 -10.69 -17.20
CA GLU A 299 -20.83 -11.29 -16.12
C GLU A 299 -20.13 -12.34 -15.28
N GLY A 300 -19.04 -12.94 -15.73
CA GLY A 300 -18.18 -13.73 -14.80
C GLY A 300 -16.79 -13.13 -14.54
N GLY A 301 -16.65 -11.83 -14.76
CA GLY A 301 -15.33 -11.24 -14.83
C GLY A 301 -14.75 -10.90 -13.48
N LEU A 302 -13.99 -9.82 -13.44
CA LEU A 302 -13.47 -9.30 -12.22
C LEU A 302 -13.65 -7.83 -12.21
N HIS A 303 -14.05 -7.32 -11.06
CA HIS A 303 -14.01 -5.91 -10.83
C HIS A 303 -12.60 -5.54 -10.40
N GLN A 304 -12.27 -4.28 -10.60
CA GLN A 304 -10.96 -3.80 -10.18
C GLN A 304 -11.07 -2.52 -9.41
N ILE A 305 -10.19 -2.38 -8.45
CA ILE A 305 -10.06 -1.14 -7.73
C ILE A 305 -8.65 -0.64 -7.93
N GLU A 306 -8.54 0.61 -8.35
CA GLU A 306 -7.28 1.36 -8.27
C GLU A 306 -7.16 2.14 -6.97
N THR A 307 -5.92 2.25 -6.52
CA THR A 307 -5.56 2.96 -5.32
C THR A 307 -4.80 4.20 -5.73
N ALA A 308 -4.92 5.25 -4.93
CA ALA A 308 -4.10 6.44 -5.04
C ALA A 308 -2.61 6.10 -5.05
N SER A 309 -2.21 5.05 -4.35
CA SER A 309 -0.82 4.64 -4.35
C SER A 309 -0.42 3.93 -5.65
N GLY A 310 -1.33 3.82 -6.62
CA GLY A 310 -0.99 3.22 -7.93
C GLY A 310 -1.35 1.75 -8.12
N ALA A 311 -1.62 1.03 -7.04
CA ALA A 311 -1.93 -0.42 -7.16
C ALA A 311 -3.33 -0.73 -7.71
N VAL A 312 -3.50 -1.97 -8.19
CA VAL A 312 -4.80 -2.43 -8.70
C VAL A 312 -5.13 -3.73 -8.02
N LEU A 313 -6.26 -3.80 -7.30
CA LEU A 313 -6.72 -5.05 -6.70
C LEU A 313 -7.86 -5.58 -7.47
N LYS A 314 -8.05 -6.90 -7.44
CA LYS A 314 -9.11 -7.54 -8.25
C LYS A 314 -10.06 -8.38 -7.40
N ALA A 315 -11.33 -8.42 -7.80
CA ALA A 315 -12.36 -9.15 -7.04
C ALA A 315 -13.58 -9.55 -7.84
N ARG A 316 -14.16 -10.67 -7.48
CA ARG A 316 -15.42 -11.10 -8.11
C ARG A 316 -16.56 -10.25 -7.62
N SER A 317 -16.44 -9.66 -6.44
CA SER A 317 -17.46 -8.78 -5.93
C SER A 317 -16.88 -7.68 -5.08
N ILE A 318 -17.57 -6.57 -5.02
CA ILE A 318 -17.08 -5.40 -4.32
C ILE A 318 -18.14 -4.92 -3.37
N ILE A 319 -17.72 -4.46 -2.20
CA ILE A 319 -18.61 -3.74 -1.36
C ILE A 319 -17.96 -2.43 -0.98
N VAL A 320 -18.65 -1.36 -1.32
CA VAL A 320 -18.16 -0.01 -1.03
C VAL A 320 -18.71 0.48 0.28
N ALA A 321 -17.85 0.93 1.18
CA ALA A 321 -18.30 1.31 2.51
C ALA A 321 -17.43 2.42 2.98
N THR A 322 -17.48 3.52 2.25
CA THR A 322 -16.50 4.60 2.42
C THR A 322 -17.06 5.74 3.25
N GLY A 323 -18.33 5.67 3.65
CA GLY A 323 -18.87 6.56 4.65
C GLY A 323 -19.01 7.96 4.12
N ALA A 324 -18.91 8.95 5.01
CA ALA A 324 -19.18 10.29 4.69
C ALA A 324 -18.48 11.27 5.60
N LYS A 325 -18.49 12.54 5.24
CA LYS A 325 -17.93 13.59 6.08
C LYS A 325 -19.01 14.60 6.36
N TRP A 326 -19.13 15.00 7.60
CA TRP A 326 -20.02 16.09 7.96
C TRP A 326 -19.29 17.40 7.69
N ARG A 327 -19.94 18.31 6.96
CA ARG A 327 -19.39 19.65 6.73
C ARG A 327 -19.10 20.42 8.02
N ASN A 328 -17.87 20.90 8.12
CA ASN A 328 -17.46 21.83 9.19
C ASN A 328 -17.76 23.26 8.89
N MET A 329 -17.94 24.08 9.92
CA MET A 329 -18.10 25.52 9.75
C MET A 329 -16.80 26.15 9.27
N ASN A 330 -15.69 25.55 9.66
CA ASN A 330 -14.34 26.08 9.49
C ASN A 330 -14.13 27.47 10.17
N VAL A 331 -14.21 27.48 11.49
CA VAL A 331 -14.01 28.70 12.22
C VAL A 331 -13.13 28.43 13.41
N PRO A 332 -12.42 29.45 13.89
CA PRO A 332 -11.62 29.26 15.10
C PRO A 332 -12.44 28.70 16.26
N GLY A 333 -11.90 27.72 16.98
CA GLY A 333 -12.58 27.09 18.11
C GLY A 333 -13.31 25.80 17.75
N GLU A 334 -13.67 25.64 16.49
CA GLU A 334 -14.32 24.41 16.06
C GLU A 334 -13.51 23.20 16.39
N ASP A 335 -12.31 23.10 15.83
CA ASP A 335 -11.44 21.94 16.06
C ASP A 335 -11.25 21.79 17.57
N GLN A 336 -10.95 22.91 18.22
CA GLN A 336 -10.64 22.86 19.65
C GLN A 336 -11.77 22.26 20.49
N TYR A 337 -13.05 22.55 20.20
CA TYR A 337 -14.16 22.00 21.01
C TYR A 337 -14.98 20.80 20.39
N ARG A 338 -14.46 20.18 19.35
CA ARG A 338 -15.03 18.87 18.92
C ARG A 338 -15.05 17.90 20.07
N THR A 339 -16.20 17.26 20.28
CA THR A 339 -16.43 16.39 21.41
C THR A 339 -16.49 17.10 22.75
N LYS A 340 -16.31 18.43 22.77
CA LYS A 340 -16.40 19.18 24.03
C LYS A 340 -17.48 20.24 23.93
N GLY A 341 -18.50 19.95 23.11
CA GLY A 341 -19.66 20.83 22.96
C GLY A 341 -19.95 21.16 21.50
N VAL A 342 -18.96 21.05 20.63
CA VAL A 342 -19.25 21.13 19.21
C VAL A 342 -19.51 19.68 18.72
N THR A 343 -20.69 19.44 18.18
CA THR A 343 -21.03 18.10 17.71
C THR A 343 -21.70 18.15 16.30
N TYR A 344 -21.84 17.00 15.66
CA TYR A 344 -22.31 16.91 14.26
C TYR A 344 -23.56 16.08 14.17
N CYS A 345 -24.19 15.76 15.28
CA CYS A 345 -25.17 14.66 15.25
C CYS A 345 -26.11 14.77 16.40
N PRO A 346 -27.31 15.30 16.19
CA PRO A 346 -28.29 15.27 17.28
C PRO A 346 -28.73 13.89 17.81
N HIS A 347 -28.84 12.86 16.98
CA HIS A 347 -29.29 11.59 17.57
C HIS A 347 -28.27 11.14 18.59
N CYS A 348 -27.00 11.20 18.19
CA CYS A 348 -25.86 10.75 18.96
C CYS A 348 -25.71 11.43 20.34
N ASP A 349 -25.75 12.76 20.36
CA ASP A 349 -25.38 13.56 21.51
C ASP A 349 -26.50 14.43 22.13
N GLY A 350 -27.70 14.37 21.59
CA GLY A 350 -28.84 15.12 22.14
C GLY A 350 -29.09 15.04 23.65
N PRO A 351 -29.23 13.81 24.18
CA PRO A 351 -29.52 13.65 25.61
C PRO A 351 -28.49 14.28 26.55
N LEU A 352 -27.28 14.52 26.06
CA LEU A 352 -26.25 15.13 26.89
C LEU A 352 -26.46 16.60 27.21
N PHE A 353 -27.52 17.24 26.71
CA PHE A 353 -27.69 18.68 26.95
C PHE A 353 -29.02 19.04 27.61
N LYS A 354 -29.62 18.07 28.30
CA LYS A 354 -30.84 18.35 29.07
C LYS A 354 -30.53 19.57 29.86
N GLY A 355 -31.44 20.54 29.90
CA GLY A 355 -31.24 21.73 30.72
C GLY A 355 -30.31 22.76 30.15
N LYS A 356 -29.68 22.46 29.02
CA LYS A 356 -28.65 23.36 28.51
C LYS A 356 -29.18 24.13 27.29
N ARG A 357 -28.54 25.25 26.99
CA ARG A 357 -28.79 26.00 25.74
C ARG A 357 -27.85 25.48 24.65
N VAL A 358 -28.39 25.34 23.44
CA VAL A 358 -27.62 24.89 22.30
C VAL A 358 -27.99 25.67 21.05
N ALA A 359 -27.15 25.55 20.03
CA ALA A 359 -27.41 26.13 18.75
C ALA A 359 -27.39 25.05 17.70
N VAL A 360 -28.20 25.22 16.68
CA VAL A 360 -28.05 24.44 15.53
C VAL A 360 -27.59 25.33 14.40
N ILE A 361 -26.57 24.87 13.70
CA ILE A 361 -26.08 25.54 12.52
C ILE A 361 -26.53 24.78 11.29
N GLY A 362 -27.22 25.51 10.41
CA GLY A 362 -27.86 24.92 9.21
C GLY A 362 -29.40 25.01 9.28
N GLY A 363 -30.02 25.63 8.25
CA GLY A 363 -31.48 25.71 8.13
C GLY A 363 -32.03 24.84 7.03
N GLY A 364 -31.34 23.75 6.74
CA GLY A 364 -31.90 22.73 5.87
C GLY A 364 -32.87 21.87 6.66
N ASN A 365 -33.37 20.83 6.03
CA ASN A 365 -34.05 19.74 6.71
C ASN A 365 -33.27 19.08 7.86
N SER A 366 -32.01 18.79 7.64
CA SER A 366 -31.12 18.29 8.70
C SER A 366 -31.23 19.12 9.97
N GLY A 367 -30.82 20.40 9.89
CA GLY A 367 -30.84 21.30 11.04
C GLY A 367 -32.21 21.56 11.58
N VAL A 368 -33.15 21.94 10.75
CA VAL A 368 -34.46 22.16 11.24
C VAL A 368 -34.98 20.92 11.98
N GLU A 369 -34.83 19.75 11.39
CA GLU A 369 -35.30 18.54 12.06
C GLU A 369 -34.54 18.35 13.42
N ALA A 370 -33.22 18.54 13.36
CA ALA A 370 -32.39 18.54 14.56
C ALA A 370 -32.91 19.53 15.66
N ALA A 371 -33.26 20.74 15.26
CA ALA A 371 -33.72 21.72 16.27
C ALA A 371 -35.05 21.34 16.97
N ILE A 372 -35.97 20.77 16.23
CA ILE A 372 -37.18 20.27 16.80
C ILE A 372 -36.84 19.12 17.76
N ASP A 373 -36.04 18.16 17.29
CA ASP A 373 -35.56 17.07 18.18
C ASP A 373 -35.06 17.73 19.48
N LEU A 374 -34.07 18.65 19.35
CA LEU A 374 -33.36 19.20 20.52
C LEU A 374 -34.28 19.99 21.40
N ALA A 375 -35.10 20.81 20.77
CA ALA A 375 -36.17 21.52 21.47
C ALA A 375 -36.93 20.65 22.49
N GLY A 376 -37.19 19.39 22.16
CA GLY A 376 -37.94 18.53 23.06
C GLY A 376 -37.14 18.13 24.28
N ILE A 377 -35.81 18.19 24.17
CA ILE A 377 -34.92 17.68 25.21
C ILE A 377 -34.18 18.77 25.97
N VAL A 378 -33.89 19.87 25.31
CA VAL A 378 -33.03 20.90 25.90
C VAL A 378 -33.82 22.11 26.36
N GLU A 379 -33.21 22.95 27.17
CA GLU A 379 -33.87 24.17 27.68
C GLU A 379 -34.12 25.24 26.59
N HIS A 380 -33.22 25.38 25.62
CA HIS A 380 -33.41 26.37 24.55
C HIS A 380 -32.53 26.07 23.32
N VAL A 381 -33.10 26.36 22.15
CA VAL A 381 -32.45 26.11 20.90
C VAL A 381 -32.45 27.37 20.07
N THR A 382 -31.28 27.68 19.53
CA THR A 382 -31.15 28.78 18.59
C THR A 382 -30.72 28.20 17.25
N LEU A 383 -31.43 28.51 16.18
CA LEU A 383 -30.99 28.06 14.88
C LEU A 383 -30.45 29.25 14.06
N LEU A 384 -29.24 29.07 13.54
CA LEU A 384 -28.58 30.05 12.71
C LEU A 384 -28.56 29.59 11.28
N GLU A 385 -29.07 30.42 10.37
CA GLU A 385 -29.11 30.17 8.94
C GLU A 385 -28.31 31.26 8.26
N PHE A 386 -27.37 30.81 7.42
CA PHE A 386 -26.40 31.62 6.68
C PHE A 386 -27.07 32.51 5.60
N ALA A 387 -28.07 31.96 4.92
CA ALA A 387 -28.78 32.62 3.84
C ALA A 387 -29.92 33.47 4.39
N PRO A 388 -30.60 34.24 3.51
CA PRO A 388 -31.68 35.10 4.01
C PRO A 388 -32.95 34.34 4.44
N GLU A 389 -33.04 33.04 4.07
CA GLU A 389 -34.16 32.19 4.40
C GLU A 389 -33.75 30.72 4.51
N MET A 390 -34.55 29.98 5.26
CA MET A 390 -34.28 28.55 5.47
C MET A 390 -34.59 27.72 4.25
N LYS A 391 -33.81 26.69 4.02
CA LYS A 391 -34.05 25.74 2.94
C LYS A 391 -35.02 24.58 3.33
N ALA A 392 -35.35 24.42 4.60
CA ALA A 392 -36.19 23.34 5.02
C ALA A 392 -37.61 23.34 4.42
N ASP A 393 -38.17 22.12 4.29
CA ASP A 393 -39.59 21.88 3.98
C ASP A 393 -40.40 22.80 4.86
N GLN A 394 -41.34 23.52 4.24
CA GLN A 394 -42.22 24.46 4.91
C GLN A 394 -42.85 23.88 6.15
N VAL A 395 -43.21 22.60 6.07
CA VAL A 395 -44.02 21.99 7.12
C VAL A 395 -43.10 21.82 8.37
N LEU A 396 -41.81 21.62 8.13
CA LEU A 396 -40.85 21.66 9.20
C LEU A 396 -40.64 23.06 9.74
N GLN A 397 -40.62 24.08 8.87
CA GLN A 397 -40.43 25.48 9.35
C GLN A 397 -41.53 25.87 10.28
N ASP A 398 -42.77 25.74 9.82
CA ASP A 398 -43.98 26.00 10.64
C ASP A 398 -43.85 25.38 12.00
N LYS A 399 -43.62 24.06 12.01
CA LYS A 399 -43.38 23.27 13.24
C LYS A 399 -42.27 23.79 14.17
N LEU A 400 -41.14 24.20 13.60
CA LEU A 400 -40.09 24.82 14.39
C LEU A 400 -40.48 26.23 14.83
N ARG A 401 -41.21 26.98 13.99
CA ARG A 401 -41.68 28.32 14.40
C ARG A 401 -42.80 28.16 15.42
N SER A 402 -43.36 26.98 15.55
CA SER A 402 -44.44 26.84 16.53
C SER A 402 -43.88 26.81 17.94
N LEU A 403 -42.64 26.38 18.14
CA LEU A 403 -42.22 26.05 19.51
C LEU A 403 -41.88 27.28 20.35
N LYS A 404 -41.83 27.10 21.67
CA LYS A 404 -41.69 28.25 22.56
C LYS A 404 -40.33 28.43 23.21
N ASN A 405 -39.37 27.57 22.86
CA ASN A 405 -38.02 27.62 23.42
C ASN A 405 -36.97 27.67 22.29
N VAL A 406 -37.38 28.19 21.13
CA VAL A 406 -36.51 28.22 19.98
C VAL A 406 -36.41 29.62 19.46
N ASP A 407 -35.24 29.97 18.96
CA ASP A 407 -35.05 31.17 18.20
C ASP A 407 -34.45 30.85 16.86
N ILE A 408 -34.94 31.53 15.83
CA ILE A 408 -34.36 31.42 14.52
C ILE A 408 -33.68 32.73 14.14
N ILE A 409 -32.48 32.60 13.64
CA ILE A 409 -31.80 33.75 13.16
C ILE A 409 -31.38 33.56 11.72
N LEU A 410 -31.71 34.54 10.88
CA LEU A 410 -31.32 34.51 9.46
C LEU A 410 -30.08 35.37 9.14
N ASN A 411 -29.45 35.08 8.02
CA ASN A 411 -28.23 35.79 7.59
C ASN A 411 -27.10 35.70 8.58
N ALA A 412 -27.10 34.62 9.36
CA ALA A 412 -26.19 34.55 10.48
C ALA A 412 -25.03 33.65 10.14
N GLN A 413 -23.81 34.17 10.25
CA GLN A 413 -22.61 33.39 9.95
C GLN A 413 -21.68 33.37 11.14
N THR A 414 -21.46 32.16 11.65
CA THR A 414 -20.77 31.92 12.90
C THR A 414 -19.35 32.24 12.60
N THR A 415 -18.70 33.02 13.47
CA THR A 415 -17.32 33.41 13.26
C THR A 415 -16.39 32.69 14.22
N GLU A 416 -16.88 32.38 15.43
CA GLU A 416 -16.04 31.77 16.43
C GLU A 416 -16.80 30.82 17.33
N VAL A 417 -16.19 29.69 17.67
CA VAL A 417 -16.67 28.91 18.82
C VAL A 417 -15.93 29.32 20.12
N LYS A 418 -16.68 29.74 21.14
CA LYS A 418 -16.10 30.16 22.39
C LYS A 418 -16.23 29.06 23.49
N GLY A 419 -15.11 28.68 24.09
CA GLY A 419 -15.09 27.78 25.26
C GLY A 419 -14.42 28.43 26.45
N ASP A 420 -14.13 27.62 27.48
CA ASP A 420 -13.42 28.08 28.69
C ASP A 420 -12.07 27.35 28.84
N GLY A 421 -11.56 26.85 27.72
CA GLY A 421 -10.42 25.99 27.77
C GLY A 421 -10.86 24.53 27.91
N SER A 422 -12.05 24.29 28.42
CA SER A 422 -12.53 22.91 28.61
C SER A 422 -13.80 22.52 27.84
N LYS A 423 -14.68 23.48 27.64
CA LYS A 423 -15.95 23.20 27.02
C LYS A 423 -16.55 24.51 26.50
N VAL A 424 -17.55 24.38 25.65
CA VAL A 424 -18.17 25.47 24.94
C VAL A 424 -18.97 26.23 25.94
N VAL A 425 -18.90 27.55 25.83
CA VAL A 425 -19.72 28.47 26.63
C VAL A 425 -20.44 29.45 25.75
N GLY A 426 -20.00 29.54 24.50
CA GLY A 426 -20.74 30.39 23.62
C GLY A 426 -20.33 30.36 22.19
N LEU A 427 -20.92 31.31 21.48
CA LEU A 427 -20.83 31.38 20.05
C LEU A 427 -20.79 32.79 19.58
N GLU A 428 -20.03 33.05 18.53
CA GLU A 428 -20.01 34.37 17.95
C GLU A 428 -20.42 34.33 16.49
N TYR A 429 -21.27 35.25 16.08
CA TYR A 429 -21.63 35.36 14.67
C TYR A 429 -21.71 36.80 14.12
N ARG A 430 -21.82 36.83 12.79
CA ARG A 430 -21.85 38.00 11.98
C ARG A 430 -23.20 38.09 11.27
N ASP A 431 -23.90 39.22 11.36
CA ASP A 431 -25.00 39.43 10.43
C ASP A 431 -24.42 39.69 9.07
N ARG A 432 -24.69 38.83 8.09
CA ARG A 432 -24.04 38.97 6.78
C ARG A 432 -24.49 40.23 6.04
N VAL A 433 -25.65 40.73 6.39
CA VAL A 433 -26.17 41.94 5.83
C VAL A 433 -25.47 43.17 6.47
N SER A 434 -25.53 43.36 7.78
CA SER A 434 -25.07 44.59 8.44
C SER A 434 -23.59 44.54 8.76
N GLY A 435 -23.09 43.32 8.94
CA GLY A 435 -21.67 43.08 9.31
C GLY A 435 -21.48 43.13 10.80
N ASP A 436 -22.56 43.35 11.56
CA ASP A 436 -22.44 43.42 13.00
C ASP A 436 -22.22 42.04 13.62
N ILE A 437 -21.56 42.10 14.76
CA ILE A 437 -21.14 40.96 15.48
C ILE A 437 -22.06 40.74 16.67
N HIS A 438 -22.43 39.49 16.90
CA HIS A 438 -23.26 39.12 18.03
C HIS A 438 -22.71 37.97 18.81
N ASN A 439 -23.20 37.84 20.03
CA ASN A 439 -22.74 36.81 20.93
C ASN A 439 -23.91 36.11 21.53
N ILE A 440 -23.78 34.79 21.68
CA ILE A 440 -24.74 33.93 22.35
C ILE A 440 -24.02 33.11 23.42
N GLU A 441 -24.72 32.87 24.52
CA GLU A 441 -24.31 31.93 25.54
C GLU A 441 -24.95 30.61 25.23
N LEU A 442 -24.15 29.56 25.15
CA LEU A 442 -24.71 28.23 25.05
C LEU A 442 -23.70 27.15 25.48
N ALA A 443 -24.14 25.90 25.54
CA ALA A 443 -23.20 24.80 25.90
C ALA A 443 -22.98 23.85 24.77
N GLY A 444 -23.83 23.91 23.78
CA GLY A 444 -23.79 22.90 22.69
C GLY A 444 -23.98 23.56 21.35
N ILE A 445 -23.29 23.03 20.37
CA ILE A 445 -23.39 23.57 19.03
C ILE A 445 -23.43 22.42 18.10
N PHE A 446 -24.56 22.25 17.44
CA PHE A 446 -24.83 21.08 16.55
C PHE A 446 -24.69 21.47 15.09
N VAL A 447 -23.63 21.06 14.42
CA VAL A 447 -23.44 21.46 13.00
C VAL A 447 -24.19 20.51 12.04
N GLN A 448 -25.10 21.11 11.30
CA GLN A 448 -26.01 20.42 10.41
C GLN A 448 -26.06 21.20 9.09
N ILE A 449 -24.92 21.31 8.44
CA ILE A 449 -24.82 22.05 7.21
C ILE A 449 -24.76 21.13 6.01
N GLY A 450 -24.63 19.82 6.23
CA GLY A 450 -24.44 18.90 5.15
C GLY A 450 -23.52 17.74 5.41
N LEU A 451 -23.94 16.62 4.85
CA LEU A 451 -23.17 15.45 4.78
C LEU A 451 -22.57 15.46 3.40
N LEU A 452 -21.39 14.88 3.24
CA LEU A 452 -20.74 14.69 1.95
C LEU A 452 -20.27 13.24 1.84
N PRO A 453 -20.95 12.44 0.99
CA PRO A 453 -20.45 11.07 0.93
C PRO A 453 -19.04 11.05 0.34
N ASN A 454 -18.24 10.06 0.70
CA ASN A 454 -16.91 9.90 0.14
C ASN A 454 -17.03 9.01 -1.06
N THR A 455 -17.67 9.56 -2.09
CA THR A 455 -17.94 8.80 -3.29
C THR A 455 -17.63 9.51 -4.59
N ASN A 456 -17.02 10.71 -4.59
CA ASN A 456 -16.67 11.38 -5.86
C ASN A 456 -15.79 10.53 -6.76
N TRP A 457 -14.97 9.70 -6.13
CA TRP A 457 -14.07 8.83 -6.83
C TRP A 457 -14.84 7.75 -7.61
N LEU A 458 -16.17 7.66 -7.46
CA LEU A 458 -16.95 6.75 -8.27
C LEU A 458 -17.74 7.36 -9.42
N GLU A 459 -17.60 8.66 -9.67
CA GLU A 459 -18.34 9.33 -10.74
C GLU A 459 -18.31 8.53 -12.02
N GLY A 460 -19.46 8.22 -12.59
CA GLY A 460 -19.52 7.42 -13.81
C GLY A 460 -19.48 5.91 -13.59
N ALA A 461 -18.97 5.43 -12.47
CA ALA A 461 -18.85 3.97 -12.24
C ALA A 461 -20.14 3.36 -11.71
N VAL A 462 -20.71 3.85 -10.59
CA VAL A 462 -22.03 3.39 -10.11
C VAL A 462 -22.92 4.58 -9.93
N GLU A 463 -24.23 4.36 -9.91
CA GLU A 463 -25.15 5.47 -9.83
C GLU A 463 -25.26 6.04 -8.43
N ARG A 464 -25.28 7.39 -8.38
CA ARG A 464 -25.48 8.14 -7.18
C ARG A 464 -26.71 9.04 -7.26
N ASN A 465 -27.27 9.42 -6.12
CA ASN A 465 -28.35 10.32 -6.10
C ASN A 465 -27.82 11.77 -6.13
N ARG A 466 -28.72 12.69 -5.88
CA ARG A 466 -28.34 14.05 -6.10
C ARG A 466 -27.57 14.64 -4.96
N MET A 467 -27.32 13.84 -3.95
CA MET A 467 -26.52 14.24 -2.80
C MET A 467 -25.27 13.44 -2.73
N GLY A 468 -24.96 12.74 -3.81
CA GLY A 468 -23.79 11.89 -3.78
C GLY A 468 -23.96 10.50 -3.17
N GLU A 469 -25.05 10.21 -2.51
CA GLU A 469 -25.20 8.85 -2.00
C GLU A 469 -25.26 7.77 -3.11
N ILE A 470 -24.60 6.64 -2.91
CA ILE A 470 -24.76 5.49 -3.79
C ILE A 470 -26.13 4.90 -3.62
N ILE A 471 -26.91 4.84 -4.70
CA ILE A 471 -28.23 4.26 -4.72
C ILE A 471 -28.17 2.73 -4.49
N ILE A 472 -28.92 2.24 -3.52
CA ILE A 472 -29.03 0.82 -3.30
C ILE A 472 -30.45 0.32 -3.17
N ASP A 473 -30.75 -0.88 -3.62
CA ASP A 473 -32.01 -1.52 -3.24
C ASP A 473 -31.83 -2.18 -1.87
N ALA A 474 -32.84 -2.90 -1.40
CA ALA A 474 -32.91 -3.38 -0.01
C ALA A 474 -31.83 -4.36 0.23
N LYS A 475 -31.35 -4.97 -0.85
CA LYS A 475 -30.30 -6.01 -0.84
C LYS A 475 -28.90 -5.42 -0.95
N CYS A 476 -28.85 -4.08 -0.90
CA CYS A 476 -27.60 -3.32 -1.01
C CYS A 476 -26.95 -3.35 -2.41
N GLU A 477 -27.74 -3.71 -3.42
CA GLU A 477 -27.29 -3.80 -4.79
C GLU A 477 -27.25 -2.40 -5.45
N THR A 478 -26.16 -2.13 -6.14
CA THR A 478 -26.06 -0.97 -6.97
C THR A 478 -26.54 -1.33 -8.38
N ASN A 479 -26.41 -0.38 -9.27
CA ASN A 479 -26.79 -0.58 -10.66
C ASN A 479 -25.71 -1.28 -11.44
N VAL A 480 -24.61 -1.71 -10.79
CA VAL A 480 -23.68 -2.64 -11.41
C VAL A 480 -23.64 -4.01 -10.70
N LYS A 481 -23.87 -5.08 -11.46
CA LYS A 481 -23.92 -6.43 -10.91
C LYS A 481 -22.64 -6.78 -10.21
N GLY A 482 -22.75 -7.29 -9.02
CA GLY A 482 -21.58 -7.72 -8.34
C GLY A 482 -21.00 -6.58 -7.51
N VAL A 483 -21.54 -5.37 -7.63
CA VAL A 483 -21.07 -4.23 -6.82
C VAL A 483 -22.13 -3.82 -5.76
N PHE A 484 -21.75 -3.86 -4.50
CA PHE A 484 -22.70 -3.54 -3.45
C PHE A 484 -22.11 -2.44 -2.65
N ALA A 485 -22.96 -1.80 -1.88
CA ALA A 485 -22.58 -0.72 -1.03
C ALA A 485 -23.33 -0.79 0.32
N ALA A 486 -22.69 -0.32 1.38
CA ALA A 486 -23.31 -0.22 2.67
C ALA A 486 -22.82 0.97 3.42
N GLY A 487 -23.69 1.47 4.28
CA GLY A 487 -23.35 2.44 5.23
C GLY A 487 -23.65 3.85 4.84
N ASP A 488 -23.05 4.80 5.54
CA ASP A 488 -23.34 6.24 5.34
C ASP A 488 -23.14 6.72 3.91
N CYS A 489 -22.26 6.08 3.14
CA CYS A 489 -22.04 6.44 1.73
C CYS A 489 -23.22 6.10 0.76
N THR A 490 -24.27 5.41 1.26
CA THR A 490 -25.40 5.03 0.45
C THR A 490 -26.64 5.84 0.73
N THR A 491 -27.74 5.47 0.08
CA THR A 491 -29.00 6.12 0.26
C THR A 491 -29.72 5.77 1.55
N VAL A 492 -29.16 4.87 2.33
CA VAL A 492 -29.73 4.59 3.57
C VAL A 492 -30.08 5.93 4.26
N PRO A 493 -31.37 6.10 4.64
CA PRO A 493 -31.91 7.28 5.27
C PRO A 493 -31.30 7.83 6.56
N TYR A 494 -30.65 7.02 7.40
CA TYR A 494 -30.08 7.55 8.66
C TYR A 494 -28.70 7.03 8.79
N LYS A 495 -27.88 7.81 9.46
CA LYS A 495 -26.49 7.62 9.50
C LYS A 495 -26.11 7.30 10.92
N GLN A 496 -25.93 6.01 11.23
CA GLN A 496 -25.66 5.60 12.59
C GLN A 496 -24.82 4.36 12.56
N ILE A 497 -24.14 4.08 13.68
CA ILE A 497 -23.24 2.93 13.77
C ILE A 497 -23.97 1.60 13.68
N ILE A 498 -25.02 1.48 14.44
CA ILE A 498 -25.75 0.22 14.48
C ILE A 498 -26.43 -0.03 13.15
N ILE A 499 -26.87 1.04 12.48
CA ILE A 499 -27.45 0.94 11.16
C ILE A 499 -26.36 0.59 10.19
N ALA A 500 -25.20 1.28 10.27
CA ALA A 500 -24.09 0.96 9.40
C ALA A 500 -23.73 -0.52 9.54
N THR A 501 -23.54 -1.06 10.73
CA THR A 501 -23.14 -2.47 10.78
C THR A 501 -24.19 -3.37 10.15
N GLY A 502 -25.43 -3.05 10.29
CA GLY A 502 -26.46 -3.91 9.72
C GLY A 502 -26.35 -3.99 8.24
N GLU A 503 -26.16 -2.86 7.59
CA GLU A 503 -26.09 -2.78 6.13
C GLU A 503 -24.87 -3.54 5.66
N GLY A 504 -23.81 -3.42 6.43
CA GLY A 504 -22.61 -4.13 6.13
C GLY A 504 -22.93 -5.59 6.07
N ALA A 505 -23.59 -6.11 7.08
CA ALA A 505 -23.89 -7.53 7.11
C ALA A 505 -24.73 -7.91 5.91
N LYS A 506 -25.74 -7.11 5.64
CA LYS A 506 -26.60 -7.33 4.45
C LYS A 506 -25.84 -7.34 3.14
N ALA A 507 -25.01 -6.34 2.93
CA ALA A 507 -24.25 -6.25 1.70
C ALA A 507 -23.47 -7.50 1.47
N SER A 508 -22.87 -8.03 2.53
CA SER A 508 -22.04 -9.25 2.45
C SER A 508 -22.80 -10.52 2.08
N LEU A 509 -23.94 -10.72 2.70
CA LEU A 509 -24.80 -11.81 2.38
C LEU A 509 -25.32 -11.65 0.96
N SER A 510 -25.50 -10.40 0.49
CA SER A 510 -25.91 -10.28 -0.92
C SER A 510 -24.78 -10.62 -1.86
N ALA A 511 -23.58 -10.21 -1.47
CA ALA A 511 -22.40 -10.51 -2.26
C ALA A 511 -22.23 -12.02 -2.35
N PHE A 512 -22.46 -12.70 -1.24
CA PHE A 512 -22.26 -14.12 -1.25
C PHE A 512 -23.29 -14.74 -2.20
N ASP A 513 -24.52 -14.25 -2.13
CA ASP A 513 -25.59 -14.82 -2.91
C ASP A 513 -25.32 -14.62 -4.39
N TYR A 514 -24.66 -13.53 -4.69
CA TYR A 514 -24.26 -13.23 -6.06
C TYR A 514 -23.20 -14.15 -6.48
N LEU A 515 -22.20 -14.40 -5.66
CA LEU A 515 -21.15 -15.29 -6.09
C LEU A 515 -21.67 -16.68 -6.42
N ILE A 516 -22.59 -17.18 -5.65
CA ILE A 516 -22.92 -18.56 -5.83
C ILE A 516 -23.88 -18.76 -7.03
N ARG A 517 -24.61 -17.69 -7.33
CA ARG A 517 -25.56 -17.65 -8.44
C ARG A 517 -24.84 -17.46 -9.76
N THR A 518 -23.63 -16.98 -9.68
CA THR A 518 -22.95 -16.58 -10.86
C THR A 518 -21.76 -17.47 -10.87
N LYS A 519 -21.82 -18.48 -11.73
CA LYS A 519 -20.60 -19.13 -12.17
C LYS A 519 -20.80 -19.71 -13.59
N THR A 520 -21.67 -20.71 -13.73
CA THR A 520 -21.88 -21.43 -14.99
C THR A 520 -20.58 -22.07 -15.53
N ALA A 521 -19.88 -22.81 -14.68
CA ALA A 521 -18.62 -23.42 -15.10
C ALA A 521 -17.71 -22.37 -15.73
PA FAD B . -17.37 5.53 8.25
O1A FAD B . -17.44 6.91 7.74
O2A FAD B . -17.48 5.39 9.72
O5B FAD B . -16.15 4.75 7.73
C5B FAD B . -15.84 4.76 6.35
C4B FAD B . -14.35 4.54 6.27
O4B FAD B . -13.90 4.42 4.90
C3B FAD B . -13.54 5.69 6.88
O3B FAD B . -12.36 5.18 7.50
C2B FAD B . -13.07 6.46 5.65
O2B FAD B . -11.82 7.09 5.83
C1B FAD B . -12.81 5.31 4.70
N9A FAD B . -12.70 5.74 3.31
C8A FAD B . -13.32 6.81 2.73
N7A FAD B . -13.06 6.97 1.45
C5A FAD B . -12.18 5.93 1.18
C6A FAD B . -11.60 5.48 -0.02
N6A FAD B . -11.73 6.14 -1.18
N1A FAD B . -10.87 4.35 0.02
C2A FAD B . -10.70 3.75 1.20
N3A FAD B . -11.19 4.10 2.41
C4A FAD B . -11.95 5.16 2.32
N1 FAD B . -23.10 7.07 15.44
C2 FAD B . -23.78 6.46 16.48
O2 FAD B . -24.61 5.57 16.27
N3 FAD B . -23.64 6.90 17.78
C4 FAD B . -22.84 7.94 18.19
O4 FAD B . -22.77 8.19 19.40
C4X FAD B . -22.11 8.61 17.06
N5 FAD B . -21.33 9.62 17.33
C5X FAD B . -20.64 10.22 16.26
C6 FAD B . -19.71 11.23 16.53
C7 FAD B . -18.95 11.80 15.52
C7M FAD B . -17.91 12.83 15.87
C8 FAD B . -19.13 11.37 14.19
C8M FAD B . -18.32 11.97 13.07
C9 FAD B . -20.04 10.37 13.91
C9A FAD B . -20.79 9.78 14.93
N10 FAD B . -21.67 8.71 14.69
C10 FAD B . -22.32 8.09 15.73
C1' FAD B . -21.89 8.31 13.29
C2' FAD B . -21.14 7.06 12.87
O2' FAD B . -19.77 7.17 13.26
C3' FAD B . -21.19 6.82 11.37
O3' FAD B . -22.54 6.80 10.94
C4' FAD B . -20.54 5.49 11.00
O4' FAD B . -19.21 5.48 11.52
C5' FAD B . -20.57 5.22 9.50
O5' FAD B . -20.04 3.90 9.30
P FAD B . -19.42 3.61 7.94
O1P FAD B . -18.54 2.40 8.04
O2P FAD B . -20.48 3.51 6.89
O3P FAD B . -18.60 4.88 7.47
PA NAI C . -29.18 21.50 2.81
O1A NAI C . -28.16 21.92 1.81
O2A NAI C . -30.65 21.54 2.26
O5B NAI C . -29.18 22.31 4.12
C5B NAI C . -27.94 22.98 4.38
C4B NAI C . -28.28 24.32 4.98
O4B NAI C . -27.08 24.81 5.56
C3B NAI C . -28.81 25.43 4.05
O3B NAI C . -30.03 25.96 4.60
C2B NAI C . -27.64 26.43 4.04
O2B NAI C . -28.04 27.80 3.92
C1B NAI C . -27.09 26.22 5.43
N9A NAI C . -25.73 26.67 5.69
C8A NAI C . -24.61 26.39 4.96
N7A NAI C . -23.50 26.80 5.52
C5A NAI C . -23.92 27.41 6.70
C6A NAI C . -23.22 28.03 7.75
N6A NAI C . -21.90 28.16 7.76
N1A NAI C . -23.95 28.49 8.79
C2A NAI C . -25.27 28.33 8.77
N3A NAI C . -26.04 27.76 7.83
C4A NAI C . -25.30 27.33 6.81
O3 NAI C . -28.80 20.06 3.37
PN NAI C . -29.36 19.15 4.55
O1N NAI C . -30.14 20.01 5.52
O2N NAI C . -28.33 18.25 5.17
O5D NAI C . -30.32 18.23 3.71
C5D NAI C . -29.88 17.05 2.98
C4D NAI C . -30.82 16.84 1.81
O4D NAI C . -31.65 15.68 2.03
C3D NAI C . -31.77 17.99 1.48
O3D NAI C . -31.90 18.15 0.07
C2D NAI C . -33.08 17.61 2.19
O2D NAI C . -34.22 17.95 1.41
C1D NAI C . -32.95 16.08 2.41
N1N NAI C . -33.19 15.64 3.78
C2N NAI C . -34.22 14.78 4.11
C3N NAI C . -34.30 14.15 5.30
C7N NAI C . -35.49 13.28 5.54
O7N NAI C . -36.26 13.00 4.61
N7N NAI C . -35.69 12.82 6.78
C4N NAI C . -33.20 14.33 6.32
C5N NAI C . -32.30 15.48 6.03
C6N NAI C . -32.33 16.08 4.85
CD CD D . 34.97 -29.83 -1.50
S SO4 E . -14.50 11.56 -2.38
O1 SO4 E . -14.33 10.81 -3.59
O2 SO4 E . -13.56 12.69 -2.21
O3 SO4 E . -15.86 12.13 -2.37
O4 SO4 E . -14.20 10.70 -1.24
S SO4 F . -24.36 41.02 21.48
O1 SO4 F . -23.02 40.52 21.06
O2 SO4 F . -25.43 41.05 20.42
O3 SO4 F . -24.17 42.39 22.03
O4 SO4 F . -24.85 40.14 22.57
S SO4 G . -9.09 25.76 16.42
O1 SO4 G . -8.14 24.87 17.12
O2 SO4 G . -8.98 25.38 15.01
O3 SO4 G . -8.80 27.17 16.75
O4 SO4 G . -10.47 25.48 16.88
S SO4 H . -42.23 22.30 0.72
O1 SO4 H . -41.33 21.44 -0.10
O2 SO4 H . -41.43 23.42 1.27
O3 SO4 H . -43.29 22.91 -0.13
O4 SO4 H . -42.87 21.52 1.83
S SO4 I . -36.16 -2.97 -3.28
O1 SO4 I . -35.04 -3.77 -2.74
O2 SO4 I . -36.15 -2.96 -4.77
O3 SO4 I . -36.06 -1.57 -2.82
O4 SO4 I . -37.40 -3.54 -2.68
S SO4 J . -35.31 32.64 26.65
O1 SO4 J . -34.74 31.48 27.40
O2 SO4 J . -34.96 32.54 25.21
O3 SO4 J . -36.79 32.63 26.78
O4 SO4 J . -34.73 33.90 27.20
S SO4 K . -27.63 34.51 25.12
O1 SO4 K . -27.56 33.12 24.62
O2 SO4 K . -26.29 35.17 25.12
O3 SO4 K . -28.50 35.34 24.24
O4 SO4 K . -28.15 34.46 26.51
S SO4 L . -2.07 -13.58 -1.93
O1 SO4 L . -2.18 -13.52 -3.40
O2 SO4 L . -0.76 -13.06 -1.49
O3 SO4 L . -2.26 -15.00 -1.52
O4 SO4 L . -3.11 -12.71 -1.32
S SO4 M . -30.24 -14.92 -11.47
O1 SO4 M . -29.95 -14.55 -12.88
O2 SO4 M . -28.99 -15.05 -10.69
O3 SO4 M . -30.98 -16.21 -11.46
O4 SO4 M . -31.05 -13.83 -10.88
S SO4 N . -16.97 35.85 3.37
O1 SO4 N . -18.06 34.90 2.98
O2 SO4 N . -15.79 35.63 2.50
O3 SO4 N . -16.55 35.63 4.77
O4 SO4 N . -17.46 37.24 3.20
C1 GOL O . -21.65 18.14 27.12
O1 GOL O . -22.74 17.33 26.65
C2 GOL O . -20.45 18.07 26.17
O2 GOL O . -20.63 17.03 25.20
C3 GOL O . -19.12 17.85 26.94
O3 GOL O . -18.38 19.07 27.09
C1 GOL P . 57.55 -15.85 -13.18
O1 GOL P . 58.88 -16.35 -13.38
C2 GOL P . 57.38 -15.17 -11.82
O2 GOL P . 56.84 -13.87 -12.00
C3 GOL P . 56.44 -15.97 -10.92
O3 GOL P . 55.10 -15.90 -11.45
C1 GOL Q . -35.81 11.42 -4.04
O1 GOL Q . -36.65 12.59 -3.99
C2 GOL Q . -35.96 10.68 -5.38
O2 GOL Q . -34.68 10.41 -5.95
C3 GOL Q . -36.72 9.37 -5.17
O3 GOL Q . -36.93 8.67 -6.42
C1 PEG R . -32.55 7.64 -4.91
O1 PEG R . -32.97 6.39 -4.31
C2 PEG R . -32.70 8.81 -3.93
O2 PEG R . -32.41 8.38 -2.61
C3 PEG R . -33.12 9.11 -1.55
C4 PEG R . -33.21 8.33 -0.19
O4 PEG R . -32.04 8.47 0.70
C1 PEG S . -30.79 20.27 34.00
O1 PEG S . -31.26 19.18 33.18
C2 PEG S . -29.81 19.79 35.07
O2 PEG S . -30.29 20.16 36.37
C3 PEG S . -29.71 19.45 37.47
C4 PEG S . -30.79 18.62 38.19
O4 PEG S . -30.20 17.61 39.02
C1 PEG T . -7.63 -17.77 9.93
O1 PEG T . -6.98 -16.50 9.82
C2 PEG T . -8.93 -17.69 10.75
O2 PEG T . -9.83 -18.73 10.31
C3 PEG T . -11.24 -18.43 10.38
C4 PEG T . -11.89 -18.16 9.00
O4 PEG T . -11.19 -18.81 7.93
#